data_3RUL
#
_entry.id   3RUL
#
_cell.length_a   53.300
_cell.length_b   86.250
_cell.length_c   107.190
_cell.angle_alpha   90.000
_cell.angle_beta   90.000
_cell.angle_gamma   90.000
#
_symmetry.space_group_name_H-M   'P 21 21 21'
#
loop_
_entity.id
_entity.type
_entity.pdbx_description
1 polymer Ubiquitin
2 polymer Dalbavancin
3 non-polymer 'L(+)-TARTARIC ACID'
4 non-polymer 'CHLORIDE ION'
5 non-polymer '2-amino-2-deoxy-beta-D-glucopyranuronic acid'
6 non-polymer alpha-D-mannopyranose
7 non-polymer '10-METHYLUNDECANOIC ACID'
8 water water
#
loop_
_entity_poly.entity_id
_entity_poly.type
_entity_poly.pdbx_seq_one_letter_code
_entity_poly.pdbx_strand_id
1 'polypeptide(L)'
;MQIFVKTLTGKTITLEVEPSDTIENVKAKIQDKEGIPPDQQRLIFAGKQLEDGRTLSDYNIQKESTLHLVLRLRG(CCS)
K(DAL)(DAL)
;
A,B,C,D
2 'polypeptide(L)' (HGM)(DTY)(HCL)(GHP)(GHP)(OMY)(HG7) E,F,G,H
#
# COMPACT_ATOMS: atom_id res chain seq x y z
N MET A 1 -13.81 0.61 8.35
CA MET A 1 -13.97 -0.26 9.51
C MET A 1 -12.82 -0.06 10.50
N GLN A 2 -12.96 -0.63 11.68
CA GLN A 2 -11.97 -0.47 12.74
C GLN A 2 -11.16 -1.75 12.91
N ILE A 3 -9.86 -1.61 13.09
CA ILE A 3 -8.99 -2.74 13.40
C ILE A 3 -7.99 -2.34 14.47
N PHE A 4 -7.33 -3.32 15.06
CA PHE A 4 -6.34 -3.04 16.09
C PHE A 4 -4.97 -3.52 15.66
N VAL A 5 -3.93 -2.80 16.07
CA VAL A 5 -2.56 -3.21 15.86
C VAL A 5 -1.87 -3.27 17.21
N LYS A 6 -1.45 -4.48 17.60
CA LYS A 6 -0.92 -4.70 18.94
C LYS A 6 0.57 -5.07 18.91
N THR A 7 1.32 -4.58 19.89
CA THR A 7 2.69 -4.99 20.08
C THR A 7 2.79 -5.73 21.40
N LEU A 8 3.93 -6.36 21.63
CA LEU A 8 4.18 -7.03 22.90
C LEU A 8 4.81 -6.06 23.89
N THR A 9 4.77 -4.77 23.57
CA THR A 9 5.24 -3.74 24.48
C THR A 9 4.09 -3.23 25.34
N GLY A 10 2.91 -3.79 25.11
CA GLY A 10 1.73 -3.43 25.88
C GLY A 10 1.01 -2.25 25.26
N LYS A 11 1.08 -2.14 23.94
CA LYS A 11 0.47 -1.03 23.23
C LYS A 11 -0.53 -1.51 22.21
N THR A 12 -1.71 -0.89 22.21
CA THR A 12 -2.73 -1.19 21.21
C THR A 12 -3.07 0.07 20.43
N ILE A 13 -2.97 -0.01 19.10
CA ILE A 13 -3.23 1.12 18.24
C ILE A 13 -4.52 0.87 17.49
N THR A 14 -5.46 1.81 17.59
CA THR A 14 -6.73 1.69 16.87
C THR A 14 -6.65 2.46 15.56
N LEU A 15 -7.12 1.85 14.47
CA LEU A 15 -7.04 2.46 13.15
C LEU A 15 -8.38 2.36 12.45
N GLU A 16 -8.74 3.36 11.67
CA GLU A 16 -9.91 3.27 10.83
C GLU A 16 -9.45 3.07 9.40
N VAL A 17 -9.92 1.98 8.79
CA VAL A 17 -9.40 1.50 7.53
C VAL A 17 -10.51 0.99 6.63
N GLU A 18 -10.20 0.81 5.35
CA GLU A 18 -11.13 0.23 4.39
C GLU A 18 -10.64 -1.15 3.99
N PRO A 19 -11.58 -2.09 3.75
CA PRO A 19 -11.20 -3.45 3.34
C PRO A 19 -10.33 -3.46 2.08
N SER A 20 -10.38 -2.39 1.29
CA SER A 20 -9.62 -2.32 0.05
C SER A 20 -8.22 -1.74 0.23
N ASP A 21 -7.91 -1.28 1.43
CA ASP A 21 -6.59 -0.70 1.71
C ASP A 21 -5.49 -1.76 1.69
N THR A 22 -4.30 -1.35 1.31
CA THR A 22 -3.18 -2.27 1.24
C THR A 22 -2.42 -2.28 2.56
N ILE A 23 -1.61 -3.31 2.77
CA ILE A 23 -0.79 -3.37 3.98
C ILE A 23 0.14 -2.16 4.08
N GLU A 24 0.52 -1.61 2.93
CA GLU A 24 1.34 -0.39 2.87
C GLU A 24 0.65 0.78 3.54
N ASN A 25 -0.59 1.04 3.11
CA ASN A 25 -1.40 2.09 3.72
C ASN A 25 -1.37 1.97 5.24
N VAL A 26 -1.68 0.77 5.74
CA VAL A 26 -1.73 0.49 7.18
C VAL A 26 -0.44 0.88 7.90
N LYS A 27 0.69 0.51 7.30
CA LYS A 27 2.00 0.88 7.83
C LYS A 27 2.17 2.39 7.82
N ALA A 28 1.70 3.05 6.77
CA ALA A 28 1.79 4.51 6.70
C ALA A 28 1.04 5.15 7.86
N LYS A 29 -0.18 4.67 8.11
CA LYS A 29 -0.99 5.17 9.23
C LYS A 29 -0.26 4.96 10.56
N ILE A 30 0.34 3.79 10.72
CA ILE A 30 1.11 3.47 11.93
C ILE A 30 2.28 4.42 12.10
N GLN A 31 2.89 4.82 10.98
CA GLN A 31 3.97 5.78 11.01
C GLN A 31 3.49 7.12 11.55
N ASP A 32 2.31 7.55 11.11
CA ASP A 32 1.70 8.78 11.60
C ASP A 32 1.58 8.77 13.12
N LYS A 33 1.05 7.67 13.65
CA LYS A 33 0.74 7.58 15.07
C LYS A 33 1.98 7.42 15.94
N GLU A 34 2.89 6.55 15.50
CA GLU A 34 4.01 6.05 16.31
C GLU A 34 5.39 6.53 15.88
N GLY A 35 5.50 7.03 14.65
CA GLY A 35 6.75 7.56 14.15
C GLY A 35 7.69 6.52 13.59
N ILE A 36 7.25 5.26 13.61
CA ILE A 36 8.05 4.15 13.06
C ILE A 36 7.97 4.10 11.53
N PRO A 37 9.13 4.21 10.85
CA PRO A 37 9.16 4.13 9.39
C PRO A 37 8.64 2.77 8.92
N PRO A 38 7.79 2.75 7.88
CA PRO A 38 7.22 1.50 7.36
C PRO A 38 8.24 0.39 7.07
N ASP A 39 9.41 0.74 6.53
CA ASP A 39 10.43 -0.25 6.23
C ASP A 39 10.84 -1.00 7.49
N GLN A 40 10.60 -0.40 8.65
CA GLN A 40 10.97 -1.01 9.93
C GLN A 40 9.83 -1.81 10.59
N GLN A 41 8.72 -1.97 9.87
CA GLN A 41 7.52 -2.61 10.41
C GLN A 41 7.27 -3.97 9.78
N ARG A 42 6.89 -4.92 10.63
CA ARG A 42 6.41 -6.23 10.17
C ARG A 42 5.05 -6.48 10.80
N LEU A 43 4.07 -6.81 9.96
CA LEU A 43 2.72 -7.09 10.44
C LEU A 43 2.38 -8.59 10.33
N ILE A 44 1.84 -9.16 11.40
CA ILE A 44 1.45 -10.57 11.42
C ILE A 44 -0.05 -10.70 11.63
N PHE A 45 -0.70 -11.54 10.83
CA PHE A 45 -2.11 -11.87 11.06
C PHE A 45 -2.41 -13.32 10.68
N ALA A 46 -3.08 -14.04 11.58
CA ALA A 46 -3.47 -15.43 11.33
C ALA A 46 -2.29 -16.30 10.96
N GLY A 47 -1.17 -16.13 11.67
CA GLY A 47 0.00 -16.97 11.46
C GLY A 47 0.80 -16.67 10.20
N LYS A 48 0.52 -15.54 9.56
CA LYS A 48 1.19 -15.15 8.35
C LYS A 48 1.76 -13.75 8.45
N GLN A 49 2.96 -13.55 7.90
CA GLN A 49 3.48 -12.20 7.74
C GLN A 49 2.84 -11.56 6.52
N LEU A 50 2.37 -10.33 6.68
CA LEU A 50 1.61 -9.65 5.64
C LEU A 50 2.52 -8.88 4.69
N GLU A 51 2.24 -8.98 3.39
CA GLU A 51 3.11 -8.37 2.39
C GLU A 51 2.56 -7.03 1.92
N ASP A 52 3.44 -6.02 1.91
CA ASP A 52 3.10 -4.74 1.28
C ASP A 52 2.57 -5.02 -0.12
N GLY A 53 1.41 -4.47 -0.44
CA GLY A 53 0.87 -4.62 -1.76
C GLY A 53 -0.42 -5.38 -1.79
N ARG A 54 -0.58 -6.31 -0.85
CA ARG A 54 -1.83 -7.04 -0.72
C ARG A 54 -2.81 -6.24 0.14
N THR A 55 -4.10 -6.54 -0.02
CA THR A 55 -5.13 -5.75 0.67
C THR A 55 -5.64 -6.47 1.89
N LEU A 56 -6.28 -5.74 2.79
CA LEU A 56 -6.84 -6.31 4.01
C LEU A 56 -7.88 -7.37 3.72
N SER A 57 -8.61 -7.21 2.61
CA SER A 57 -9.63 -8.18 2.22
C SER A 57 -8.99 -9.46 1.69
N ASP A 58 -7.82 -9.32 1.06
CA ASP A 58 -7.06 -10.49 0.60
C ASP A 58 -6.80 -11.41 1.78
N TYR A 59 -6.45 -10.83 2.92
CA TYR A 59 -6.10 -11.59 4.10
C TYR A 59 -7.30 -11.89 5.00
N ASN A 60 -8.50 -11.51 4.54
CA ASN A 60 -9.73 -11.73 5.30
C ASN A 60 -9.69 -11.00 6.65
N ILE A 61 -9.04 -9.83 6.65
CA ILE A 61 -9.02 -8.98 7.82
C ILE A 61 -10.31 -8.15 7.88
N GLN A 62 -11.04 -8.28 8.99
CA GLN A 62 -12.34 -7.63 9.12
C GLN A 62 -12.37 -6.70 10.32
N LYS A 63 -13.53 -6.11 10.59
CA LYS A 63 -13.65 -5.21 11.73
C LYS A 63 -13.32 -5.94 13.02
N GLU A 64 -12.64 -5.23 13.92
CA GLU A 64 -12.23 -5.75 15.22
C GLU A 64 -11.04 -6.70 15.13
N SER A 65 -10.50 -6.87 13.93
CA SER A 65 -9.34 -7.75 13.73
C SER A 65 -8.08 -7.16 14.38
N THR A 66 -7.22 -8.04 14.86
CA THR A 66 -6.01 -7.62 15.54
C THR A 66 -4.79 -8.11 14.77
N LEU A 67 -4.03 -7.16 14.24
CA LEU A 67 -2.73 -7.44 13.62
C LEU A 67 -1.66 -7.28 14.69
N HIS A 68 -0.56 -7.99 14.55
CA HIS A 68 0.54 -7.86 15.48
C HIS A 68 1.74 -7.18 14.81
N LEU A 69 2.28 -6.18 15.49
CA LEU A 69 3.39 -5.42 14.95
C LEU A 69 4.68 -5.86 15.61
N VAL A 70 5.70 -6.07 14.79
CA VAL A 70 7.05 -6.30 15.30
C VAL A 70 8.05 -5.47 14.48
N LEU A 71 9.14 -5.05 15.10
CA LEU A 71 10.11 -4.18 14.43
C LEU A 71 11.31 -4.93 13.90
N ARG A 72 11.75 -4.60 12.69
CA ARG A 72 12.86 -5.30 12.05
C ARG A 72 13.76 -4.39 11.21
N LEU A 73 14.95 -4.09 11.71
CA LEU A 73 15.96 -3.38 10.94
C LEU A 73 17.30 -4.10 11.05
N ARG A 74 17.74 -4.68 9.93
CA ARG A 74 19.09 -5.23 9.81
C ARG A 74 20.10 -4.12 9.55
N GLY A 75 21.27 -4.24 10.18
CA GLY A 75 22.34 -3.26 10.01
C GLY A 75 22.77 -3.17 8.56
N LYS A 77 25.04 -0.45 7.59
CA LYS A 77 26.28 0.34 7.54
C LYS A 77 27.50 -0.58 7.53
N MET B 1 -1.64 -22.04 40.35
CA MET B 1 -2.47 -21.08 39.62
C MET B 1 -2.41 -21.36 38.12
N GLN B 2 -3.31 -20.72 37.38
CA GLN B 2 -3.41 -20.93 35.94
C GLN B 2 -2.81 -19.75 35.18
N ILE B 3 -2.05 -20.04 34.13
CA ILE B 3 -1.54 -19.01 33.24
C ILE B 3 -1.67 -19.47 31.80
N PHE B 4 -1.54 -18.53 30.86
CA PHE B 4 -1.62 -18.87 29.45
C PHE B 4 -0.31 -18.58 28.73
N VAL B 5 -0.01 -19.39 27.73
CA VAL B 5 1.15 -19.17 26.87
C VAL B 5 0.65 -19.12 25.44
N LYS B 6 0.83 -17.97 24.81
CA LYS B 6 0.26 -17.74 23.49
C LYS B 6 1.34 -17.58 22.44
N THR B 7 1.08 -18.09 21.24
CA THR B 7 1.96 -17.86 20.10
C THR B 7 1.19 -17.08 19.05
N LEU B 8 1.90 -16.58 18.05
CA LEU B 8 1.26 -15.87 16.96
C LEU B 8 0.88 -16.84 15.85
N THR B 9 0.90 -18.13 16.18
CA THR B 9 0.41 -19.15 15.26
C THR B 9 -1.07 -19.42 15.51
N GLY B 10 -1.64 -18.70 16.48
CA GLY B 10 -3.03 -18.89 16.85
C GLY B 10 -3.24 -20.02 17.85
N LYS B 11 -2.23 -20.25 18.69
CA LYS B 11 -2.29 -21.31 19.68
C LYS B 11 -2.19 -20.77 21.10
N THR B 12 -3.08 -21.23 21.97
CA THR B 12 -3.04 -20.87 23.38
C THR B 12 -2.89 -22.13 24.24
N ILE B 13 -1.86 -22.14 25.08
CA ILE B 13 -1.56 -23.28 25.91
C ILE B 13 -1.88 -22.91 27.34
N THR B 14 -2.69 -23.72 28.00
CA THR B 14 -3.03 -23.50 29.40
C THR B 14 -2.14 -24.35 30.29
N LEU B 15 -1.61 -23.75 31.35
CA LEU B 15 -0.68 -24.43 32.25
C LEU B 15 -1.10 -24.19 33.69
N GLU B 16 -0.93 -25.20 34.54
CA GLU B 16 -1.09 -24.99 35.96
C GLU B 16 0.31 -24.93 36.56
N VAL B 17 0.61 -23.77 37.14
CA VAL B 17 1.96 -23.48 37.61
C VAL B 17 1.92 -22.86 38.99
N GLU B 18 3.08 -22.84 39.64
CA GLU B 18 3.22 -22.22 40.96
C GLU B 18 4.06 -20.96 40.83
N PRO B 19 3.73 -19.93 41.62
CA PRO B 19 4.49 -18.67 41.59
C PRO B 19 5.98 -18.88 41.83
N SER B 20 6.34 -19.99 42.48
CA SER B 20 7.74 -20.27 42.79
C SER B 20 8.48 -21.01 41.69
N ASP B 21 7.75 -21.43 40.65
CA ASP B 21 8.36 -22.16 39.53
C ASP B 21 9.29 -21.27 38.72
N THR B 22 10.33 -21.86 38.15
CA THR B 22 11.28 -21.12 37.33
C THR B 22 10.84 -21.10 35.88
N ILE B 23 11.43 -20.22 35.09
CA ILE B 23 11.13 -20.17 33.67
C ILE B 23 11.51 -21.48 32.98
N GLU B 24 12.49 -22.17 33.56
CA GLU B 24 12.91 -23.48 33.06
C GLU B 24 11.77 -24.49 33.17
N ASN B 25 11.15 -24.55 34.35
CA ASN B 25 10.03 -25.46 34.60
C ASN B 25 8.89 -25.23 33.61
N VAL B 26 8.49 -23.97 33.47
CA VAL B 26 7.44 -23.59 32.54
C VAL B 26 7.72 -24.16 31.14
N LYS B 27 8.96 -23.98 30.68
CA LYS B 27 9.38 -24.52 29.39
C LYS B 27 9.30 -26.05 29.35
N ALA B 28 9.61 -26.70 30.47
CA ALA B 28 9.50 -28.16 30.57
C ALA B 28 8.05 -28.58 30.37
N LYS B 29 7.13 -27.91 31.06
CA LYS B 29 5.70 -28.19 30.92
C LYS B 29 5.24 -27.99 29.48
N ILE B 30 5.70 -26.91 28.86
CA ILE B 30 5.38 -26.65 27.46
C ILE B 30 5.93 -27.75 26.54
N GLN B 31 7.07 -28.32 26.89
CA GLN B 31 7.61 -29.45 26.14
C GLN B 31 6.68 -30.67 26.22
N ASP B 32 6.13 -30.91 27.41
CA ASP B 32 5.17 -32.01 27.61
C ASP B 32 3.98 -31.86 26.67
N LYS B 33 3.42 -30.64 26.64
CA LYS B 33 2.18 -30.38 25.92
C LYS B 33 2.36 -30.30 24.41
N GLU B 34 3.50 -29.78 23.98
CA GLU B 34 3.68 -29.38 22.58
C GLU B 34 4.85 -30.07 21.86
N GLY B 35 5.74 -30.70 22.62
CA GLY B 35 6.86 -31.42 22.05
C GLY B 35 8.05 -30.56 21.69
N ILE B 36 7.94 -29.25 21.93
CA ILE B 36 9.02 -28.31 21.63
C ILE B 36 10.11 -28.34 22.71
N PRO B 37 11.34 -28.66 22.31
CA PRO B 37 12.45 -28.66 23.26
C PRO B 37 12.62 -27.25 23.87
N PRO B 38 12.84 -27.17 25.19
CA PRO B 38 13.04 -25.88 25.87
C PRO B 38 14.09 -24.97 25.22
N ASP B 39 15.22 -25.52 24.76
CA ASP B 39 16.25 -24.71 24.13
C ASP B 39 15.72 -23.91 22.92
N GLN B 40 14.65 -24.40 22.32
CA GLN B 40 14.05 -23.74 21.17
C GLN B 40 12.93 -22.78 21.57
N GLN B 41 12.79 -22.50 22.87
CA GLN B 41 11.68 -21.67 23.34
C GLN B 41 12.16 -20.33 23.84
N ARG B 42 11.40 -19.29 23.51
CA ARG B 42 11.61 -17.96 24.08
C ARG B 42 10.28 -17.47 24.64
N LEU B 43 10.27 -17.09 25.91
CA LEU B 43 9.05 -16.56 26.53
C LEU B 43 9.11 -15.05 26.76
N ILE B 44 8.03 -14.36 26.40
CA ILE B 44 7.94 -12.91 26.58
C ILE B 44 6.79 -12.56 27.53
N PHE B 45 7.06 -11.70 28.50
CA PHE B 45 5.99 -11.16 29.35
C PHE B 45 6.25 -9.70 29.72
N ALA B 46 5.23 -8.86 29.55
CA ALA B 46 5.33 -7.45 29.92
C ALA B 46 6.52 -6.74 29.26
N GLY B 47 6.75 -7.03 27.99
CA GLY B 47 7.80 -6.37 27.22
C GLY B 47 9.20 -6.85 27.52
N LYS B 48 9.32 -7.96 28.24
CA LYS B 48 10.62 -8.51 28.59
C LYS B 48 10.74 -9.98 28.19
N GLN B 49 11.91 -10.37 27.69
CA GLN B 49 12.21 -11.78 27.51
C GLN B 49 12.57 -12.39 28.86
N LEU B 50 11.96 -13.53 29.17
CA LEU B 50 12.12 -14.16 30.48
C LEU B 50 13.33 -15.11 30.50
N GLU B 51 14.09 -15.06 31.57
CA GLU B 51 15.33 -15.82 31.68
C GLU B 51 15.13 -17.10 32.47
N ASP B 52 15.60 -18.22 31.93
CA ASP B 52 15.63 -19.47 32.67
C ASP B 52 16.33 -19.21 34.00
N GLY B 53 15.71 -19.63 35.10
CA GLY B 53 16.34 -19.48 36.40
C GLY B 53 15.58 -18.54 37.30
N ARG B 54 14.92 -17.56 36.72
CA ARG B 54 14.08 -16.65 37.49
C ARG B 54 12.69 -17.25 37.67
N THR B 55 11.97 -16.82 38.70
CA THR B 55 10.67 -17.39 39.02
C THR B 55 9.52 -16.52 38.51
N LEU B 56 8.34 -17.12 38.40
CA LEU B 56 7.16 -16.40 37.91
C LEU B 56 6.81 -15.22 38.82
N SER B 57 7.11 -15.35 40.11
CA SER B 57 6.84 -14.28 41.06
C SER B 57 7.83 -13.13 40.88
N ASP B 58 9.06 -13.45 40.48
CA ASP B 58 10.06 -12.43 40.17
C ASP B 58 9.53 -11.48 39.11
N TYR B 59 8.85 -12.05 38.12
CA TYR B 59 8.31 -11.26 37.01
C TYR B 59 6.89 -10.76 37.26
N ASN B 60 6.38 -10.98 38.47
CA ASN B 60 5.02 -10.57 38.82
C ASN B 60 3.97 -11.22 37.91
N ILE B 61 4.22 -12.47 37.55
CA ILE B 61 3.28 -13.24 36.74
C ILE B 61 2.26 -13.89 37.67
N GLN B 62 0.97 -13.59 37.44
CA GLN B 62 -0.08 -14.05 38.34
C GLN B 62 -1.11 -14.91 37.60
N LYS B 63 -2.18 -15.30 38.29
CA LYS B 63 -3.19 -16.11 37.66
C LYS B 63 -3.81 -15.36 36.49
N GLU B 64 -4.10 -16.09 35.42
CA GLU B 64 -4.69 -15.55 34.20
C GLU B 64 -3.69 -14.78 33.33
N SER B 65 -2.43 -14.75 33.75
CA SER B 65 -1.40 -14.05 32.99
C SER B 65 -1.10 -14.77 31.67
N THR B 66 -0.75 -13.99 30.66
CA THR B 66 -0.48 -14.53 29.34
C THR B 66 0.97 -14.27 28.94
N LEU B 67 1.74 -15.35 28.82
CA LEU B 67 3.09 -15.27 28.30
C LEU B 67 3.00 -15.47 26.79
N HIS B 68 3.95 -14.93 26.05
CA HIS B 68 4.02 -15.19 24.61
C HIS B 68 5.22 -16.04 24.26
N LEU B 69 4.98 -17.08 23.46
CA LEU B 69 6.02 -18.01 23.08
C LEU B 69 6.46 -17.74 21.66
N VAL B 70 7.77 -17.78 21.44
CA VAL B 70 8.31 -17.70 20.09
C VAL B 70 9.47 -18.69 20.00
N LEU B 71 9.70 -19.23 18.81
CA LEU B 71 10.74 -20.25 18.61
C LEU B 71 12.07 -19.70 18.05
N ARG B 72 13.18 -20.11 18.65
CA ARG B 72 14.51 -19.65 18.22
C ARG B 72 15.54 -20.78 17.97
N LEU B 73 16.00 -20.92 16.73
CA LEU B 73 17.05 -21.89 16.43
C LEU B 73 18.02 -21.41 15.33
N ARG B 74 19.23 -21.09 15.73
CA ARG B 74 20.23 -20.61 14.77
C ARG B 74 21.03 -21.78 14.20
N GLY B 75 21.31 -21.70 12.89
CA GLY B 75 22.09 -22.72 12.20
C GLY B 75 23.48 -22.81 12.79
N LYS B 77 25.62 -25.60 11.77
CA LYS B 77 26.42 -26.46 10.90
C LYS B 77 27.28 -25.66 9.93
N MET C 1 3.49 9.44 2.94
CA MET C 1 2.17 9.84 2.44
C MET C 1 1.78 9.00 1.23
N GLN C 2 0.51 9.08 0.85
CA GLN C 2 -0.02 8.34 -0.28
C GLN C 2 -0.19 9.21 -1.51
N ILE C 3 0.20 8.69 -2.66
CA ILE C 3 -0.04 9.35 -3.93
C ILE C 3 -0.50 8.33 -4.97
N PHE C 4 -1.06 8.81 -6.07
CA PHE C 4 -1.51 7.93 -7.14
C PHE C 4 -0.73 8.18 -8.44
N VAL C 5 -0.53 7.12 -9.21
CA VAL C 5 0.08 7.22 -10.51
C VAL C 5 -0.85 6.59 -11.53
N LYS C 6 -1.39 7.40 -12.43
CA LYS C 6 -2.42 6.96 -13.35
C LYS C 6 -1.91 6.92 -14.77
N THR C 7 -2.42 5.96 -15.53
CA THR C 7 -2.13 5.89 -16.96
C THR C 7 -3.45 6.01 -17.71
N LEU C 8 -3.37 6.21 -19.01
CA LEU C 8 -4.58 6.27 -19.83
C LEU C 8 -4.97 4.87 -20.30
N THR C 9 -4.34 3.85 -19.70
CA THR C 9 -4.73 2.47 -19.97
C THR C 9 -5.82 2.01 -19.00
N GLY C 10 -6.21 2.92 -18.11
CA GLY C 10 -7.22 2.60 -17.12
C GLY C 10 -6.65 1.95 -15.88
N LYS C 11 -5.42 2.31 -15.55
CA LYS C 11 -4.73 1.73 -14.41
C LYS C 11 -4.33 2.80 -13.40
N THR C 12 -4.61 2.55 -12.13
CA THR C 12 -4.21 3.44 -11.05
C THR C 12 -3.31 2.70 -10.07
N ILE C 13 -2.11 3.23 -9.86
CA ILE C 13 -1.14 2.60 -8.96
C ILE C 13 -1.04 3.44 -7.70
N THR C 14 -1.22 2.81 -6.55
CA THR C 14 -1.10 3.50 -5.28
C THR C 14 0.29 3.29 -4.70
N LEU C 15 0.91 4.38 -4.23
CA LEU C 15 2.27 4.32 -3.71
C LEU C 15 2.35 5.01 -2.36
N GLU C 16 3.17 4.48 -1.46
CA GLU C 16 3.45 5.18 -0.22
C GLU C 16 4.85 5.75 -0.37
N VAL C 17 4.94 7.07 -0.34
CA VAL C 17 6.17 7.77 -0.64
C VAL C 17 6.39 8.84 0.40
N GLU C 18 7.61 9.38 0.44
CA GLU C 18 7.95 10.49 1.31
C GLU C 18 8.15 11.76 0.48
N PRO C 19 7.74 12.91 1.03
CA PRO C 19 7.92 14.19 0.32
C PRO C 19 9.36 14.44 -0.09
N SER C 20 10.31 13.79 0.59
CA SER C 20 11.73 14.01 0.31
C SER C 20 12.27 13.06 -0.77
N ASP C 21 11.45 12.11 -1.21
CA ASP C 21 11.87 11.15 -2.23
C ASP C 21 12.07 11.83 -3.59
N THR C 22 13.00 11.30 -4.37
CA THR C 22 13.27 11.85 -5.70
C THR C 22 12.39 11.17 -6.74
N ILE C 23 12.29 11.78 -7.92
CA ILE C 23 11.53 11.20 -9.02
C ILE C 23 12.13 9.85 -9.42
N GLU C 24 13.43 9.69 -9.20
CA GLU C 24 14.10 8.41 -9.45
C GLU C 24 13.51 7.33 -8.55
N ASN C 25 13.37 7.65 -7.27
CA ASN C 25 12.77 6.74 -6.30
C ASN C 25 11.37 6.31 -6.70
N VAL C 26 10.49 7.28 -6.92
CA VAL C 26 9.13 7.00 -7.37
C VAL C 26 9.11 6.00 -8.52
N LYS C 27 9.97 6.23 -9.51
CA LYS C 27 10.11 5.34 -10.65
C LYS C 27 10.57 3.96 -10.21
N ALA C 28 11.45 3.91 -9.22
CA ALA C 28 11.93 2.64 -8.70
C ALA C 28 10.78 1.83 -8.10
N LYS C 29 9.95 2.50 -7.29
CA LYS C 29 8.77 1.86 -6.70
C LYS C 29 7.84 1.34 -7.78
N ILE C 30 7.62 2.14 -8.82
CA ILE C 30 6.77 1.74 -9.94
C ILE C 30 7.34 0.51 -10.63
N GLN C 31 8.67 0.42 -10.69
CA GLN C 31 9.32 -0.76 -11.25
C GLN C 31 8.96 -2.02 -10.45
N ASP C 32 8.96 -1.89 -9.12
CA ASP C 32 8.62 -2.99 -8.22
C ASP C 32 7.22 -3.51 -8.52
N LYS C 33 6.25 -2.59 -8.50
CA LYS C 33 4.85 -2.95 -8.64
C LYS C 33 4.47 -3.33 -10.06
N GLU C 34 5.29 -2.94 -11.04
CA GLU C 34 4.86 -3.10 -12.44
C GLU C 34 5.87 -3.76 -13.37
N GLY C 35 7.14 -3.76 -12.97
CA GLY C 35 8.18 -4.38 -13.78
C GLY C 35 8.76 -3.50 -14.86
N ILE C 36 8.25 -2.27 -14.96
CA ILE C 36 8.71 -1.33 -15.97
C ILE C 36 10.01 -0.64 -15.57
N PRO C 37 11.07 -0.84 -16.37
CA PRO C 37 12.35 -0.19 -16.09
C PRO C 37 12.19 1.32 -16.06
N PRO C 38 12.81 1.99 -15.07
CA PRO C 38 12.72 3.46 -14.94
C PRO C 38 13.04 4.23 -16.21
N ASP C 39 14.04 3.81 -16.98
CA ASP C 39 14.39 4.50 -18.21
C ASP C 39 13.24 4.60 -19.21
N GLN C 40 12.27 3.70 -19.11
CA GLN C 40 11.11 3.71 -20.01
C GLN C 40 9.90 4.47 -19.43
N GLN C 41 10.11 5.11 -18.28
CA GLN C 41 9.02 5.82 -17.62
C GLN C 41 9.13 7.32 -17.81
N ARG C 42 7.97 7.95 -18.01
CA ARG C 42 7.87 9.41 -18.00
C ARG C 42 6.72 9.76 -17.08
N LEU C 43 6.99 10.64 -16.12
CA LEU C 43 5.98 11.09 -15.17
C LEU C 43 5.56 12.55 -15.43
N ILE C 44 4.24 12.78 -15.47
CA ILE C 44 3.70 14.12 -15.68
C ILE C 44 2.89 14.58 -14.47
N PHE C 45 3.15 15.78 -13.98
CA PHE C 45 2.32 16.40 -12.95
C PHE C 45 2.15 17.90 -13.17
N ALA C 46 0.92 18.37 -13.06
CA ALA C 46 0.60 19.80 -13.21
C ALA C 46 1.17 20.40 -14.50
N GLY C 47 1.03 19.67 -15.59
CA GLY C 47 1.46 20.16 -16.90
C GLY C 47 2.97 20.16 -17.13
N LYS C 48 3.70 19.47 -16.27
CA LYS C 48 5.15 19.41 -16.39
C LYS C 48 5.64 17.97 -16.38
N GLN C 49 6.63 17.68 -17.20
CA GLN C 49 7.33 16.40 -17.10
C GLN C 49 8.34 16.48 -15.95
N LEU C 50 8.32 15.47 -15.09
CA LEU C 50 9.13 15.47 -13.87
C LEU C 50 10.51 14.90 -14.15
N GLU C 51 11.52 15.54 -13.58
CA GLU C 51 12.91 15.15 -13.82
C GLU C 51 13.47 14.29 -12.70
N ASP C 52 14.11 13.18 -13.07
CA ASP C 52 14.85 12.38 -12.11
C ASP C 52 15.81 13.29 -11.35
N GLY C 53 15.78 13.21 -10.02
CA GLY C 53 16.70 14.01 -9.24
C GLY C 53 16.02 15.06 -8.39
N ARG C 54 14.89 15.57 -8.87
CA ARG C 54 14.09 16.51 -8.09
C ARG C 54 13.16 15.73 -7.15
N THR C 55 12.72 16.39 -6.08
CA THR C 55 11.92 15.73 -5.06
C THR C 55 10.44 16.04 -5.23
N LEU C 56 9.58 15.23 -4.62
CA LEU C 56 8.14 15.42 -4.71
C LEU C 56 7.71 16.76 -4.11
N SER C 57 8.47 17.23 -3.12
CA SER C 57 8.16 18.51 -2.49
C SER C 57 8.54 19.68 -3.40
N ASP C 58 9.59 19.49 -4.19
CA ASP C 58 9.99 20.47 -5.19
C ASP C 58 8.81 20.78 -6.11
N TYR C 59 8.08 19.74 -6.48
CA TYR C 59 6.97 19.87 -7.42
C TYR C 59 5.64 20.11 -6.70
N ASN C 60 5.69 20.30 -5.39
CA ASN C 60 4.48 20.52 -4.61
C ASN C 60 3.50 19.35 -4.74
N ILE C 61 4.04 18.14 -4.83
CA ILE C 61 3.23 16.93 -4.85
C ILE C 61 2.90 16.51 -3.41
N GLN C 62 1.61 16.42 -3.12
CA GLN C 62 1.14 16.15 -1.77
C GLN C 62 0.31 14.88 -1.70
N LYS C 63 -0.24 14.57 -0.53
CA LYS C 63 -1.05 13.37 -0.38
C LYS C 63 -2.26 13.43 -1.32
N GLU C 64 -2.62 12.27 -1.87
CA GLU C 64 -3.74 12.13 -2.80
C GLU C 64 -3.45 12.71 -4.19
N SER C 65 -2.22 13.17 -4.41
CA SER C 65 -1.82 13.70 -5.71
C SER C 65 -1.74 12.60 -6.77
N THR C 66 -2.10 12.95 -8.00
CA THR C 66 -2.09 12.00 -9.10
C THR C 66 -1.05 12.39 -10.14
N LEU C 67 -0.03 11.55 -10.29
CA LEU C 67 0.93 11.69 -11.37
C LEU C 67 0.44 10.87 -12.54
N HIS C 68 0.84 11.22 -13.76
CA HIS C 68 0.47 10.45 -14.93
C HIS C 68 1.70 9.80 -15.53
N LEU C 69 1.58 8.49 -15.81
CA LEU C 69 2.69 7.73 -16.35
C LEU C 69 2.49 7.51 -17.84
N VAL C 70 3.54 7.72 -18.61
CA VAL C 70 3.53 7.33 -20.01
C VAL C 70 4.86 6.65 -20.32
N LEU C 71 4.86 5.73 -21.28
CA LEU C 71 6.04 4.96 -21.61
C LEU C 71 6.80 5.52 -22.81
N ARG C 72 8.10 5.65 -22.65
CA ARG C 72 8.91 6.17 -23.72
C ARG C 72 10.13 5.32 -23.95
N LEU C 73 10.22 4.76 -25.15
CA LEU C 73 11.43 4.08 -25.56
C LEU C 73 11.64 4.26 -27.05
N ARG C 74 12.78 4.86 -27.40
CA ARG C 74 13.14 5.05 -28.79
C ARG C 74 14.02 3.90 -29.26
N GLY C 75 13.76 3.42 -30.48
CA GLY C 75 14.54 2.34 -31.08
C GLY C 75 16.01 2.72 -31.19
N LYS C 77 18.44 0.11 -32.11
CA LYS C 77 19.09 -0.91 -32.92
C LYS C 77 19.21 -0.45 -34.37
N MET D 1 -26.16 14.53 -24.43
CA MET D 1 -25.63 14.29 -23.09
C MET D 1 -24.42 15.16 -22.75
N GLN D 2 -23.92 15.01 -21.53
CA GLN D 2 -22.76 15.78 -21.07
C GLN D 2 -21.49 14.91 -21.00
N ILE D 3 -20.43 15.35 -21.69
CA ILE D 3 -19.15 14.66 -21.60
C ILE D 3 -18.03 15.64 -21.28
N PHE D 4 -16.89 15.11 -20.84
CA PHE D 4 -15.74 15.94 -20.51
C PHE D 4 -14.53 15.64 -21.40
N VAL D 5 -13.77 16.68 -21.71
CA VAL D 5 -12.53 16.50 -22.45
C VAL D 5 -11.39 17.08 -21.63
N LYS D 6 -10.46 16.22 -21.22
CA LYS D 6 -9.44 16.63 -20.26
C LYS D 6 -8.06 16.60 -20.89
N THR D 7 -7.21 17.54 -20.47
CA THR D 7 -5.83 17.54 -20.93
C THR D 7 -4.97 17.42 -19.69
N LEU D 8 -3.68 17.17 -19.89
CA LEU D 8 -2.76 17.08 -18.77
C LEU D 8 -2.15 18.44 -18.50
N THR D 9 -2.76 19.48 -19.07
CA THR D 9 -2.39 20.85 -18.76
C THR D 9 -3.23 21.36 -17.60
N GLY D 10 -4.14 20.53 -17.10
CA GLY D 10 -4.99 20.90 -15.99
C GLY D 10 -6.26 21.60 -16.44
N LYS D 11 -6.73 21.24 -17.64
CA LYS D 11 -7.91 21.85 -18.21
C LYS D 11 -9.01 20.83 -18.47
N THR D 12 -10.23 21.15 -18.05
CA THR D 12 -11.37 20.29 -18.32
C THR D 12 -12.43 21.05 -19.11
N ILE D 13 -12.79 20.53 -20.28
CA ILE D 13 -13.74 21.19 -21.16
C ILE D 13 -15.04 20.40 -21.12
N THR D 14 -16.13 21.09 -20.84
CA THR D 14 -17.44 20.46 -20.82
C THR D 14 -18.14 20.67 -22.16
N LEU D 15 -18.71 19.59 -22.71
CA LEU D 15 -19.38 19.64 -24.01
C LEU D 15 -20.76 19.00 -23.99
N GLU D 16 -21.63 19.46 -24.88
CA GLU D 16 -22.93 18.84 -25.11
C GLU D 16 -22.92 18.14 -26.45
N VAL D 17 -23.13 16.82 -26.43
CA VAL D 17 -22.98 15.99 -27.63
C VAL D 17 -24.08 14.93 -27.70
N GLU D 18 -24.21 14.32 -28.87
CA GLU D 18 -25.14 13.21 -29.07
C GLU D 18 -24.36 11.92 -29.26
N PRO D 19 -24.90 10.80 -28.74
CA PRO D 19 -24.23 9.50 -28.90
C PRO D 19 -23.96 9.15 -30.36
N SER D 20 -24.70 9.77 -31.28
CA SER D 20 -24.55 9.48 -32.71
C SER D 20 -23.50 10.35 -33.39
N ASP D 21 -22.97 11.34 -32.68
CA ASP D 21 -21.96 12.23 -33.23
C ASP D 21 -20.64 11.49 -33.51
N THR D 22 -19.93 11.95 -34.53
CA THR D 22 -18.64 11.36 -34.88
C THR D 22 -17.51 12.06 -34.13
N ILE D 23 -16.36 11.41 -34.09
CA ILE D 23 -15.19 12.02 -33.46
C ILE D 23 -14.82 13.32 -34.17
N GLU D 24 -15.17 13.41 -35.46
CA GLU D 24 -14.94 14.64 -36.22
C GLU D 24 -15.70 15.82 -35.63
N ASN D 25 -16.98 15.61 -35.34
CA ASN D 25 -17.82 16.65 -34.73
C ASN D 25 -17.25 17.12 -33.39
N VAL D 26 -16.88 16.15 -32.56
CA VAL D 26 -16.32 16.41 -31.24
C VAL D 26 -15.08 17.29 -31.32
N LYS D 27 -14.17 16.95 -32.24
CA LYS D 27 -12.97 17.76 -32.46
C LYS D 27 -13.32 19.18 -32.90
N ALA D 28 -14.36 19.32 -33.73
CA ALA D 28 -14.78 20.64 -34.17
C ALA D 28 -15.25 21.48 -32.98
N LYS D 29 -16.05 20.88 -32.11
CA LYS D 29 -16.51 21.56 -30.89
C LYS D 29 -15.31 21.98 -30.03
N ILE D 30 -14.34 21.09 -29.89
CA ILE D 30 -13.14 21.38 -29.13
C ILE D 30 -12.37 22.55 -29.75
N GLN D 31 -12.41 22.64 -31.07
CA GLN D 31 -11.79 23.76 -31.75
C GLN D 31 -12.44 25.07 -31.36
N ASP D 32 -13.77 25.06 -31.28
CA ASP D 32 -14.54 26.24 -30.87
C ASP D 32 -14.10 26.76 -29.51
N LYS D 33 -14.02 25.85 -28.54
CA LYS D 33 -13.67 26.23 -27.18
C LYS D 33 -12.20 26.61 -27.04
N GLU D 34 -11.31 25.90 -27.75
CA GLU D 34 -9.87 26.00 -27.49
C GLU D 34 -8.99 26.54 -28.62
N GLY D 35 -9.53 26.57 -29.84
CA GLY D 35 -8.80 27.10 -30.98
C GLY D 35 -7.85 26.11 -31.64
N ILE D 36 -7.79 24.90 -31.10
CA ILE D 36 -6.96 23.84 -31.65
C ILE D 36 -7.60 23.20 -32.88
N PRO D 37 -6.90 23.27 -34.03
CA PRO D 37 -7.40 22.63 -35.26
C PRO D 37 -7.56 21.13 -35.04
N PRO D 38 -8.67 20.55 -35.51
CA PRO D 38 -8.93 19.11 -35.37
C PRO D 38 -7.76 18.20 -35.82
N ASP D 39 -7.11 18.52 -36.93
CA ASP D 39 -5.98 17.73 -37.41
C ASP D 39 -4.87 17.57 -36.36
N GLN D 40 -4.76 18.57 -35.47
CA GLN D 40 -3.78 18.55 -34.38
C GLN D 40 -4.31 17.90 -33.10
N GLN D 41 -5.54 17.38 -33.12
CA GLN D 41 -6.13 16.79 -31.92
C GLN D 41 -6.08 15.27 -31.94
N ARG D 42 -5.78 14.69 -30.78
CA ARG D 42 -5.88 13.25 -30.58
C ARG D 42 -6.72 12.99 -29.33
N LEU D 43 -7.75 12.15 -29.47
CA LEU D 43 -8.63 11.82 -28.35
C LEU D 43 -8.42 10.38 -27.88
N ILE D 44 -8.28 10.21 -26.56
CA ILE D 44 -8.10 8.88 -25.97
C ILE D 44 -9.27 8.56 -25.04
N PHE D 45 -9.82 7.36 -25.16
CA PHE D 45 -10.83 6.87 -24.22
C PHE D 45 -10.69 5.36 -23.99
N ALA D 46 -10.70 4.95 -22.73
CA ALA D 46 -10.61 3.55 -22.36
C ALA D 46 -9.41 2.85 -23.00
N GLY D 47 -8.26 3.51 -22.99
CA GLY D 47 -7.04 2.91 -23.48
C GLY D 47 -6.94 2.82 -25.00
N LYS D 48 -7.83 3.52 -25.70
CA LYS D 48 -7.84 3.50 -27.16
C LYS D 48 -7.81 4.90 -27.75
N GLN D 49 -7.06 5.08 -28.82
CA GLN D 49 -7.15 6.32 -29.57
C GLN D 49 -8.40 6.27 -30.45
N LEU D 50 -9.18 7.34 -30.42
CA LEU D 50 -10.46 7.39 -31.13
C LEU D 50 -10.29 7.87 -32.56
N GLU D 51 -10.97 7.21 -33.50
CA GLU D 51 -10.83 7.51 -34.92
C GLU D 51 -11.95 8.41 -35.43
N ASP D 52 -11.57 9.45 -36.14
CA ASP D 52 -12.55 10.29 -36.84
C ASP D 52 -13.43 9.37 -37.68
N GLY D 53 -14.75 9.53 -37.55
CA GLY D 53 -15.66 8.74 -38.35
C GLY D 53 -16.49 7.78 -37.54
N ARG D 54 -15.94 7.31 -36.43
CA ARG D 54 -16.70 6.46 -35.52
C ARG D 54 -17.51 7.32 -34.55
N THR D 55 -18.58 6.76 -33.99
CA THR D 55 -19.48 7.54 -33.14
C THR D 55 -19.20 7.28 -31.66
N LEU D 56 -19.69 8.18 -30.80
CA LEU D 56 -19.49 8.05 -29.37
C LEU D 56 -20.11 6.77 -28.82
N SER D 57 -21.20 6.33 -29.45
CA SER D 57 -21.87 5.12 -29.02
C SER D 57 -21.08 3.88 -29.42
N ASP D 58 -20.36 3.96 -30.54
CA ASP D 58 -19.47 2.90 -30.97
C ASP D 58 -18.46 2.58 -29.87
N TYR D 59 -17.94 3.64 -29.23
CA TYR D 59 -16.92 3.50 -28.19
C TYR D 59 -17.52 3.37 -26.79
N ASN D 60 -18.84 3.27 -26.71
CA ASN D 60 -19.54 3.15 -25.43
C ASN D 60 -19.26 4.37 -24.52
N ILE D 61 -19.16 5.54 -25.15
CA ILE D 61 -18.99 6.79 -24.42
C ILE D 61 -20.36 7.32 -23.98
N GLN D 62 -20.54 7.48 -22.67
CA GLN D 62 -21.83 7.87 -22.11
C GLN D 62 -21.73 9.18 -21.36
N LYS D 63 -22.83 9.59 -20.72
CA LYS D 63 -22.84 10.84 -19.98
C LYS D 63 -21.82 10.78 -18.86
N GLU D 64 -21.16 11.92 -18.62
CA GLU D 64 -20.13 12.06 -17.59
C GLU D 64 -18.79 11.40 -17.97
N SER D 65 -18.71 10.87 -19.19
CA SER D 65 -17.49 10.23 -19.66
C SER D 65 -16.38 11.24 -19.90
N THR D 66 -15.15 10.83 -19.61
CA THR D 66 -14.01 11.71 -19.77
C THR D 66 -13.08 11.21 -20.86
N LEU D 67 -12.98 11.99 -21.93
CA LEU D 67 -12.00 11.74 -22.99
C LEU D 67 -10.74 12.52 -22.65
N HIS D 68 -9.59 12.04 -23.09
CA HIS D 68 -8.35 12.77 -22.89
C HIS D 68 -7.82 13.33 -24.21
N LEU D 69 -7.46 14.61 -24.19
CA LEU D 69 -6.98 15.28 -25.38
C LEU D 69 -5.48 15.42 -25.33
N VAL D 70 -4.82 15.08 -26.43
CA VAL D 70 -3.40 15.36 -26.58
C VAL D 70 -3.16 15.98 -27.97
N LEU D 71 -2.15 16.83 -28.08
CA LEU D 71 -1.86 17.52 -29.35
C LEU D 71 -0.77 16.83 -30.20
N ARG D 72 -1.01 16.70 -31.50
CA ARG D 72 -0.03 16.06 -32.40
C ARG D 72 0.24 16.81 -33.72
N LEU D 73 1.47 17.28 -33.87
CA LEU D 73 1.90 17.86 -35.14
C LEU D 73 3.33 17.45 -35.46
N ARG D 74 3.47 16.63 -36.51
CA ARG D 74 4.80 16.29 -37.02
C ARG D 74 5.28 17.34 -38.00
N GLY D 75 6.57 17.66 -37.93
CA GLY D 75 7.17 18.62 -38.84
C GLY D 75 7.04 18.16 -40.28
N LYS D 77 7.90 20.58 -42.94
CA LYS D 77 8.74 21.47 -43.74
C LYS D 77 10.11 20.88 -44.03
#